data_6EP0
#
_entry.id   6EP0
#
_cell.length_a   64.975
_cell.length_b   64.975
_cell.length_c   246.239
_cell.angle_alpha   90.00
_cell.angle_beta   90.00
_cell.angle_gamma   90.00
#
_symmetry.space_group_name_H-M   'P 41 21 2'
#
loop_
_entity.id
_entity.type
_entity.pdbx_description
1 polymer 'Fic family protein'
2 non-polymer 'ADENOSINE MONOPHOSPHATE'
3 non-polymer 'CALCIUM ION'
4 non-polymer 'CHLORIDE ION'
5 water water
#
_entity_poly.entity_id   1
_entity_poly.type   'polypeptide(L)'
_entity_poly.pdbx_seq_one_letter_code
;MHHHHHHMLENKLGIINQLELNRVEERVSKENAKRLYDSGDIDRIEVGTFKGLSYIHNYLFEDIYEFAGKVRSQNISKGN
FRFAPVMYLEIALEHIDKMPQRNLDEIVAKYVEMNIAHPFREGNGRATRIWLDLILKKELKRVVDWNLINKEDYLSAMER
SPVKDLEIKYLISNALTDKINDREIFMKGIDISYYYEGYTEYNVDEL
;
_entity_poly.pdbx_strand_id   A,B
#
# COMPACT_ATOMS: atom_id res chain seq x y z
N LEU A 9 -2.92 -10.39 -13.46
CA LEU A 9 -3.75 -9.45 -14.21
C LEU A 9 -3.27 -9.38 -15.67
N GLU A 10 -4.23 -9.41 -16.62
CA GLU A 10 -3.88 -9.33 -18.04
C GLU A 10 -3.97 -7.90 -18.56
N ASN A 11 -2.88 -7.46 -19.19
CA ASN A 11 -2.72 -6.13 -19.76
C ASN A 11 -2.52 -6.21 -21.29
N LYS A 12 -2.83 -5.07 -21.97
CA LYS A 12 -2.75 -4.89 -23.41
C LYS A 12 -1.32 -5.01 -23.95
N LEU A 13 -0.33 -4.61 -23.14
CA LEU A 13 1.07 -4.54 -23.54
C LEU A 13 1.87 -5.84 -23.29
N GLY A 14 1.21 -6.87 -22.74
CA GLY A 14 1.79 -8.18 -22.47
C GLY A 14 2.91 -8.17 -21.45
N ILE A 15 2.75 -7.40 -20.36
CA ILE A 15 3.74 -7.31 -19.29
C ILE A 15 3.52 -8.47 -18.28
N ILE A 16 4.58 -9.30 -18.03
CA ILE A 16 4.56 -10.45 -17.12
C ILE A 16 5.10 -10.12 -15.71
N ASN A 17 6.18 -9.32 -15.60
CA ASN A 17 6.76 -8.91 -14.32
C ASN A 17 5.85 -7.89 -13.59
N GLN A 18 5.65 -8.08 -12.25
CA GLN A 18 4.79 -7.23 -11.42
C GLN A 18 5.34 -5.80 -11.20
N LEU A 19 6.66 -5.67 -10.94
CA LEU A 19 7.35 -4.39 -10.75
C LEU A 19 7.32 -3.58 -12.05
N GLU A 20 7.52 -4.29 -13.17
CA GLU A 20 7.53 -3.74 -14.52
C GLU A 20 6.15 -3.21 -14.89
N LEU A 21 5.09 -4.00 -14.62
CA LEU A 21 3.71 -3.60 -14.89
C LEU A 21 3.30 -2.41 -13.99
N ASN A 22 3.85 -2.32 -12.76
CA ASN A 22 3.58 -1.26 -11.79
C ASN A 22 4.10 0.09 -12.29
N ARG A 23 5.35 0.15 -12.75
CA ARG A 23 5.92 1.41 -13.19
C ARG A 23 5.40 1.81 -14.60
N VAL A 24 5.03 0.84 -15.47
CA VAL A 24 4.47 1.10 -16.80
C VAL A 24 3.03 1.62 -16.65
N GLU A 25 2.26 0.94 -15.77
CA GLU A 25 0.89 1.31 -15.45
C GLU A 25 0.87 2.74 -14.88
N GLU A 26 1.85 3.11 -14.04
CA GLU A 26 1.98 4.44 -13.43
C GLU A 26 2.31 5.50 -14.47
N ARG A 27 3.28 5.24 -15.34
CA ARG A 27 3.72 6.17 -16.37
C ARG A 27 2.55 6.54 -17.29
N VAL A 28 1.94 5.54 -17.92
CA VAL A 28 0.84 5.63 -18.86
C VAL A 28 -0.42 6.32 -18.29
N SER A 29 -0.93 5.85 -17.15
CA SER A 29 -2.14 6.40 -16.58
C SER A 29 -1.93 7.79 -15.96
N LYS A 30 -0.74 8.07 -15.37
CA LYS A 30 -0.43 9.38 -14.80
C LYS A 30 -0.28 10.44 -15.90
N GLU A 31 0.29 10.05 -17.05
CA GLU A 31 0.41 10.93 -18.23
C GLU A 31 -1.02 11.23 -18.73
N ASN A 32 -1.92 10.22 -18.65
CA ASN A 32 -3.32 10.38 -19.05
C ASN A 32 -4.05 11.29 -18.07
N ALA A 33 -3.78 11.16 -16.75
CA ALA A 33 -4.37 11.99 -15.67
C ALA A 33 -4.00 13.48 -15.82
N LYS A 34 -2.74 13.74 -16.25
CA LYS A 34 -2.21 15.07 -16.55
C LYS A 34 -2.96 15.66 -17.76
N ARG A 35 -3.17 14.87 -18.82
CA ARG A 35 -3.85 15.28 -20.05
C ARG A 35 -5.34 15.50 -19.82
N LEU A 36 -5.94 14.69 -18.93
CA LEU A 36 -7.35 14.77 -18.52
C LEU A 36 -7.64 16.18 -18.00
N TYR A 37 -6.72 16.70 -17.16
CA TYR A 37 -6.79 18.02 -16.56
C TYR A 37 -6.37 19.12 -17.52
N ASP A 38 -5.15 19.06 -18.07
CA ASP A 38 -4.56 20.08 -18.90
C ASP A 38 -5.33 20.36 -20.21
N SER A 39 -6.09 19.38 -20.73
CA SER A 39 -6.94 19.56 -21.92
C SER A 39 -8.31 20.16 -21.51
N GLY A 40 -8.60 20.13 -20.20
CA GLY A 40 -9.89 20.60 -19.68
C GLY A 40 -10.99 19.58 -19.91
N ASP A 41 -10.65 18.34 -20.38
CA ASP A 41 -11.60 17.25 -20.61
C ASP A 41 -12.28 16.83 -19.31
N ILE A 42 -11.59 17.02 -18.17
CA ILE A 42 -12.07 16.69 -16.82
C ILE A 42 -13.42 17.39 -16.48
N ASP A 43 -13.58 18.65 -16.95
CA ASP A 43 -14.74 19.49 -16.68
C ASP A 43 -15.81 19.43 -17.77
N ARG A 44 -15.59 18.59 -18.80
CA ARG A 44 -16.56 18.42 -19.90
C ARG A 44 -17.47 17.20 -19.62
N ILE A 45 -17.16 16.43 -18.57
CA ILE A 45 -17.86 15.18 -18.26
C ILE A 45 -18.85 15.27 -17.06
N GLU A 46 -19.80 14.33 -17.04
CA GLU A 46 -20.87 14.20 -16.07
C GLU A 46 -20.36 14.07 -14.64
N VAL A 47 -20.98 14.83 -13.71
CA VAL A 47 -20.59 14.80 -12.29
C VAL A 47 -21.51 13.83 -11.50
N GLY A 48 -20.92 12.95 -10.70
CA GLY A 48 -21.67 12.06 -9.82
C GLY A 48 -22.46 10.92 -10.43
N THR A 49 -22.19 10.55 -11.68
CA THR A 49 -22.85 9.40 -12.33
C THR A 49 -21.83 8.31 -12.63
N PHE A 50 -22.31 7.07 -12.90
CA PHE A 50 -21.41 5.99 -13.26
C PHE A 50 -20.81 6.31 -14.64
N LYS A 51 -21.58 6.98 -15.53
CA LYS A 51 -21.13 7.45 -16.84
C LYS A 51 -19.84 8.30 -16.74
N GLY A 52 -19.80 9.22 -15.78
CA GLY A 52 -18.65 10.09 -15.53
C GLY A 52 -17.49 9.31 -14.95
N LEU A 53 -17.79 8.40 -13.98
CA LEU A 53 -16.79 7.53 -13.37
C LEU A 53 -16.12 6.60 -14.41
N SER A 54 -16.95 5.97 -15.26
CA SER A 54 -16.56 5.11 -16.37
C SER A 54 -15.63 5.87 -17.37
N TYR A 55 -15.92 7.17 -17.66
CA TYR A 55 -15.14 8.03 -18.55
C TYR A 55 -13.77 8.27 -17.94
N ILE A 56 -13.71 8.63 -16.64
CA ILE A 56 -12.48 8.85 -15.87
C ILE A 56 -11.60 7.59 -15.91
N HIS A 57 -12.20 6.40 -15.66
CA HIS A 57 -11.48 5.13 -15.62
C HIS A 57 -10.92 4.75 -17.01
N ASN A 58 -11.74 4.89 -18.05
CA ASN A 58 -11.32 4.63 -19.40
C ASN A 58 -10.17 5.58 -19.76
N TYR A 59 -10.32 6.88 -19.46
CA TYR A 59 -9.29 7.89 -19.73
C TYR A 59 -7.95 7.51 -19.12
N LEU A 60 -7.93 7.03 -17.87
CA LEU A 60 -6.69 6.61 -17.19
C LEU A 60 -6.06 5.33 -17.71
N PHE A 61 -6.85 4.24 -17.85
CA PHE A 61 -6.30 2.91 -18.17
C PHE A 61 -6.56 2.37 -19.59
N GLU A 62 -7.17 3.13 -20.53
CA GLU A 62 -7.40 2.63 -21.91
C GLU A 62 -6.15 2.14 -22.66
N ASP A 63 -4.94 2.59 -22.27
CA ASP A 63 -3.72 2.15 -22.95
C ASP A 63 -3.21 0.84 -22.40
N ILE A 64 -3.49 0.56 -21.12
CA ILE A 64 -2.97 -0.63 -20.44
C ILE A 64 -4.02 -1.77 -20.26
N TYR A 65 -5.27 -1.45 -19.89
CA TYR A 65 -6.29 -2.46 -19.61
C TYR A 65 -7.46 -2.48 -20.57
N GLU A 66 -7.81 -3.69 -21.05
CA GLU A 66 -8.92 -3.92 -21.99
C GLU A 66 -10.28 -3.60 -21.35
N PHE A 67 -10.37 -3.79 -20.02
CA PHE A 67 -11.53 -3.56 -19.18
C PHE A 67 -11.71 -2.09 -18.75
N ALA A 68 -10.86 -1.16 -19.22
CA ALA A 68 -10.92 0.26 -18.86
C ALA A 68 -12.30 0.84 -19.15
N GLY A 69 -12.90 1.42 -18.10
CA GLY A 69 -14.20 2.04 -18.14
C GLY A 69 -15.35 1.05 -18.14
N LYS A 70 -15.01 -0.24 -18.08
CA LYS A 70 -16.00 -1.31 -18.12
C LYS A 70 -16.24 -1.90 -16.77
N VAL A 71 -17.49 -2.25 -16.54
CA VAL A 71 -17.96 -2.95 -15.34
C VAL A 71 -17.36 -4.37 -15.34
N ARG A 72 -16.73 -4.77 -14.20
CA ARG A 72 -16.15 -6.10 -14.00
C ARG A 72 -17.17 -7.23 -14.18
N SER A 73 -16.68 -8.42 -14.55
CA SER A 73 -17.47 -9.63 -14.77
C SER A 73 -17.15 -10.69 -13.71
N GLN A 74 -16.20 -10.37 -12.81
CA GLN A 74 -15.76 -11.24 -11.73
C GLN A 74 -15.96 -10.57 -10.37
N ASN A 75 -16.29 -11.37 -9.35
CA ASN A 75 -16.45 -10.90 -8.00
C ASN A 75 -15.10 -10.61 -7.36
N ILE A 76 -15.02 -9.62 -6.46
CA ILE A 76 -13.78 -9.25 -5.79
C ILE A 76 -13.94 -9.15 -4.27
N SER A 77 -12.85 -9.45 -3.55
CA SER A 77 -12.76 -9.42 -2.09
C SER A 77 -11.46 -8.81 -1.62
N LYS A 78 -11.56 -7.95 -0.59
CA LYS A 78 -10.43 -7.27 0.05
C LYS A 78 -10.56 -7.56 1.54
N GLY A 79 -9.74 -8.51 1.99
CA GLY A 79 -9.77 -9.01 3.36
C GLY A 79 -10.97 -9.91 3.53
N ASN A 80 -11.80 -9.59 4.52
CA ASN A 80 -13.03 -10.34 4.79
C ASN A 80 -14.27 -9.56 4.25
N PHE A 81 -14.02 -8.55 3.38
CA PHE A 81 -15.07 -7.73 2.75
C PHE A 81 -15.32 -8.09 1.29
N ARG A 82 -16.58 -8.36 0.94
CA ARG A 82 -16.98 -8.68 -0.43
C ARG A 82 -17.71 -7.47 -1.02
N PHE A 83 -17.24 -6.98 -2.16
CA PHE A 83 -17.84 -5.86 -2.86
C PHE A 83 -19.14 -6.31 -3.55
N ALA A 84 -19.92 -5.39 -4.13
CA ALA A 84 -21.20 -5.70 -4.76
C ALA A 84 -21.10 -6.93 -5.71
N PRO A 85 -22.03 -7.92 -5.60
CA PRO A 85 -21.97 -9.09 -6.50
C PRO A 85 -22.19 -8.67 -7.94
N VAL A 86 -21.40 -9.25 -8.88
CA VAL A 86 -21.43 -8.97 -10.33
C VAL A 86 -22.87 -8.95 -10.87
N MET A 87 -23.70 -9.89 -10.40
CA MET A 87 -25.09 -10.01 -10.80
C MET A 87 -25.96 -8.77 -10.45
N TYR A 88 -25.59 -8.03 -9.36
CA TYR A 88 -26.31 -6.85 -8.86
C TYR A 88 -25.66 -5.50 -9.20
N LEU A 89 -24.48 -5.52 -9.85
CA LEU A 89 -23.73 -4.33 -10.21
C LEU A 89 -24.52 -3.32 -11.05
N GLU A 90 -25.17 -3.76 -12.14
CA GLU A 90 -25.97 -2.88 -12.99
C GLU A 90 -27.05 -2.10 -12.18
N ILE A 91 -27.77 -2.82 -11.30
CA ILE A 91 -28.83 -2.28 -10.45
C ILE A 91 -28.28 -1.30 -9.40
N ALA A 92 -27.17 -1.68 -8.75
CA ALA A 92 -26.47 -0.92 -7.72
C ALA A 92 -26.00 0.43 -8.25
N LEU A 93 -25.42 0.43 -9.49
CA LEU A 93 -24.89 1.63 -10.15
C LEU A 93 -25.99 2.61 -10.54
N GLU A 94 -27.17 2.09 -10.89
CA GLU A 94 -28.35 2.89 -11.23
C GLU A 94 -28.89 3.59 -9.95
N HIS A 95 -28.82 2.90 -8.82
CA HIS A 95 -29.25 3.42 -7.53
C HIS A 95 -28.25 4.50 -7.05
N ILE A 96 -26.93 4.27 -7.24
CA ILE A 96 -25.89 5.23 -6.85
C ILE A 96 -26.09 6.54 -7.61
N ASP A 97 -26.44 6.45 -8.91
CA ASP A 97 -26.70 7.60 -9.76
C ASP A 97 -27.81 8.46 -9.22
N LYS A 98 -28.82 7.84 -8.58
CA LYS A 98 -29.98 8.50 -7.97
C LYS A 98 -29.70 9.09 -6.58
N MET A 99 -28.57 8.75 -5.95
CA MET A 99 -28.20 9.24 -4.62
C MET A 99 -27.97 10.75 -4.62
N PRO A 100 -28.53 11.49 -3.62
CA PRO A 100 -28.31 12.95 -3.57
C PRO A 100 -26.87 13.30 -3.26
N GLN A 101 -26.50 14.55 -3.51
CA GLN A 101 -25.15 15.04 -3.29
C GLN A 101 -25.23 16.53 -2.98
N ARG A 102 -26.12 16.93 -2.05
CA ARG A 102 -26.35 18.34 -1.73
C ARG A 102 -25.35 18.91 -0.69
N ASN A 103 -24.86 18.05 0.21
CA ASN A 103 -23.90 18.46 1.25
C ASN A 103 -22.83 17.37 1.44
N LEU A 104 -21.90 17.58 2.36
CA LEU A 104 -20.82 16.64 2.66
C LEU A 104 -21.33 15.27 3.11
N ASP A 105 -22.34 15.21 4.00
CA ASP A 105 -22.92 13.94 4.46
C ASP A 105 -23.42 13.06 3.30
N GLU A 106 -24.08 13.67 2.34
CA GLU A 106 -24.64 13.04 1.17
C GLU A 106 -23.58 12.67 0.15
N ILE A 107 -22.58 13.55 -0.04
CA ILE A 107 -21.49 13.34 -0.98
C ILE A 107 -20.61 12.16 -0.54
N VAL A 108 -20.27 12.13 0.75
CA VAL A 108 -19.48 11.06 1.38
C VAL A 108 -20.24 9.74 1.34
N ALA A 109 -21.57 9.74 1.60
CA ALA A 109 -22.40 8.55 1.57
C ALA A 109 -22.40 7.94 0.17
N LYS A 110 -22.51 8.80 -0.86
CA LYS A 110 -22.51 8.44 -2.28
C LYS A 110 -21.20 7.78 -2.66
N TYR A 111 -20.08 8.38 -2.24
CA TYR A 111 -18.70 7.91 -2.42
C TYR A 111 -18.48 6.52 -1.77
N VAL A 112 -18.96 6.36 -0.54
CA VAL A 112 -18.90 5.12 0.23
C VAL A 112 -19.61 3.98 -0.52
N GLU A 113 -20.83 4.24 -1.05
CA GLU A 113 -21.61 3.25 -1.81
C GLU A 113 -20.92 2.89 -3.10
N MET A 114 -20.35 3.90 -3.78
CA MET A 114 -19.57 3.69 -5.00
C MET A 114 -18.33 2.82 -4.72
N ASN A 115 -17.71 2.98 -3.54
CA ASN A 115 -16.58 2.15 -3.21
C ASN A 115 -17.04 0.71 -2.91
N ILE A 116 -18.24 0.52 -2.32
CA ILE A 116 -18.82 -0.80 -2.07
C ILE A 116 -19.16 -1.49 -3.41
N ALA A 117 -19.65 -0.70 -4.41
CA ALA A 117 -19.94 -1.21 -5.74
C ALA A 117 -18.65 -1.66 -6.41
N HIS A 118 -17.55 -0.86 -6.31
CA HIS A 118 -16.20 -1.15 -6.85
C HIS A 118 -16.41 -1.72 -8.27
N PRO A 119 -16.95 -0.91 -9.21
CA PRO A 119 -17.38 -1.47 -10.49
C PRO A 119 -16.31 -2.01 -11.43
N PHE A 120 -15.05 -1.61 -11.27
CA PHE A 120 -13.97 -2.07 -12.14
C PHE A 120 -13.09 -3.14 -11.49
N ARG A 121 -12.46 -3.95 -12.33
CA ARG A 121 -11.55 -5.01 -11.92
C ARG A 121 -10.38 -4.40 -11.11
N GLU A 122 -9.84 -3.26 -11.59
CA GLU A 122 -8.71 -2.59 -10.96
C GLU A 122 -8.81 -1.07 -11.17
N GLY A 123 -8.17 -0.29 -10.30
CA GLY A 123 -8.14 1.17 -10.45
C GLY A 123 -9.33 1.93 -9.92
N ASN A 124 -10.07 1.32 -9.00
CA ASN A 124 -11.24 1.92 -8.39
C ASN A 124 -10.86 3.10 -7.54
N GLY A 125 -9.85 2.93 -6.68
CA GLY A 125 -9.40 3.99 -5.79
C GLY A 125 -9.12 5.30 -6.51
N ARG A 126 -8.22 5.23 -7.49
CA ARG A 126 -7.71 6.33 -8.31
C ARG A 126 -8.78 7.03 -9.16
N ALA A 127 -9.66 6.26 -9.83
CA ALA A 127 -10.73 6.80 -10.67
C ALA A 127 -11.86 7.41 -9.84
N THR A 128 -12.20 6.77 -8.68
CA THR A 128 -13.29 7.27 -7.80
C THR A 128 -12.89 8.49 -6.98
N ARG A 129 -11.61 8.63 -6.60
CA ARG A 129 -11.16 9.83 -5.90
C ARG A 129 -11.24 11.10 -6.80
N ILE A 130 -10.99 10.94 -8.13
CA ILE A 130 -11.07 12.02 -9.13
C ILE A 130 -12.56 12.45 -9.24
N TRP A 131 -13.45 11.43 -9.33
CA TRP A 131 -14.89 11.52 -9.40
C TRP A 131 -15.44 12.24 -8.16
N LEU A 132 -14.94 11.86 -6.97
CA LEU A 132 -15.31 12.48 -5.69
C LEU A 132 -14.96 13.99 -5.70
N ASP A 133 -13.73 14.36 -6.11
CA ASP A 133 -13.33 15.77 -6.17
C ASP A 133 -14.22 16.63 -7.05
N LEU A 134 -14.71 16.06 -8.15
CA LEU A 134 -15.62 16.74 -9.07
C LEU A 134 -17.02 16.92 -8.50
N ILE A 135 -17.47 16.04 -7.59
CA ILE A 135 -18.77 16.17 -6.93
C ILE A 135 -18.64 17.29 -5.89
N LEU A 136 -17.55 17.23 -5.09
CA LEU A 136 -17.24 18.23 -4.08
C LEU A 136 -17.14 19.65 -4.68
N LYS A 137 -16.44 19.81 -5.81
CA LYS A 137 -16.24 21.07 -6.56
C LYS A 137 -17.59 21.65 -7.03
N LYS A 138 -18.43 20.81 -7.68
CA LYS A 138 -19.73 21.24 -8.18
C LYS A 138 -20.70 21.62 -7.04
N GLU A 139 -20.77 20.81 -5.99
CA GLU A 139 -21.74 20.98 -4.93
C GLU A 139 -21.31 21.82 -3.73
N LEU A 140 -20.03 21.83 -3.37
CA LEU A 140 -19.54 22.57 -2.20
C LEU A 140 -18.52 23.65 -2.54
N LYS A 141 -18.01 23.69 -3.79
CA LYS A 141 -16.96 24.63 -4.24
C LYS A 141 -15.69 24.37 -3.40
N ARG A 142 -15.45 23.07 -3.11
CA ARG A 142 -14.33 22.51 -2.37
C ARG A 142 -13.76 21.29 -3.13
N VAL A 143 -12.50 20.97 -2.89
CA VAL A 143 -11.82 19.78 -3.41
C VAL A 143 -10.96 19.31 -2.25
N VAL A 144 -10.47 18.07 -2.30
CA VAL A 144 -9.61 17.54 -1.24
C VAL A 144 -8.13 17.89 -1.50
N ASP A 145 -7.43 18.32 -0.44
CA ASP A 145 -5.99 18.51 -0.43
C ASP A 145 -5.57 17.17 0.16
N TRP A 146 -5.29 16.18 -0.73
CA TRP A 146 -5.01 14.80 -0.37
C TRP A 146 -3.79 14.61 0.51
N ASN A 147 -2.83 15.56 0.52
CA ASN A 147 -1.64 15.49 1.40
C ASN A 147 -2.01 15.56 2.88
N LEU A 148 -3.15 16.24 3.17
CA LEU A 148 -3.71 16.40 4.52
C LEU A 148 -4.42 15.15 5.05
N ILE A 149 -4.37 14.04 4.29
CA ILE A 149 -4.95 12.75 4.68
C ILE A 149 -3.85 11.71 4.60
N ASN A 150 -3.44 11.13 5.75
CA ASN A 150 -2.44 10.05 5.82
C ASN A 150 -2.99 8.85 5.04
N LYS A 151 -2.10 8.18 4.29
CA LYS A 151 -2.36 6.98 3.48
C LYS A 151 -3.08 5.91 4.31
N GLU A 152 -2.50 5.52 5.46
CA GLU A 152 -3.03 4.47 6.32
C GLU A 152 -4.32 4.87 7.08
N ASP A 153 -4.43 6.16 7.50
CA ASP A 153 -5.67 6.67 8.10
C ASP A 153 -6.76 6.56 7.04
N TYR A 154 -6.49 7.00 5.79
CA TYR A 154 -7.38 6.93 4.65
C TYR A 154 -7.84 5.50 4.36
N LEU A 155 -6.88 4.57 4.19
CA LEU A 155 -7.13 3.15 3.88
C LEU A 155 -7.97 2.47 4.96
N SER A 156 -7.63 2.73 6.23
CA SER A 156 -8.35 2.19 7.41
C SER A 156 -9.78 2.77 7.47
N ALA A 157 -9.95 4.07 7.19
CA ALA A 157 -11.24 4.74 7.16
C ALA A 157 -12.14 4.19 6.04
N MET A 158 -11.53 3.85 4.88
CA MET A 158 -12.26 3.27 3.74
C MET A 158 -12.79 1.86 4.06
N GLU A 159 -11.98 1.07 4.76
CA GLU A 159 -12.32 -0.29 5.14
C GLU A 159 -13.41 -0.28 6.21
N ARG A 160 -13.41 0.80 7.02
CA ARG A 160 -14.39 1.03 8.07
C ARG A 160 -15.71 1.57 7.52
N SER A 161 -15.67 2.37 6.42
CA SER A 161 -16.81 3.15 5.88
C SER A 161 -18.11 2.35 5.67
N PRO A 162 -18.14 1.04 5.29
CA PRO A 162 -19.45 0.36 5.19
C PRO A 162 -20.17 0.27 6.54
N VAL A 163 -19.43 0.17 7.64
CA VAL A 163 -20.01 0.10 8.96
C VAL A 163 -20.31 1.51 9.52
N LYS A 164 -19.34 2.42 9.45
CA LYS A 164 -19.48 3.77 9.95
C LYS A 164 -18.60 4.70 9.13
N ASP A 165 -19.20 5.75 8.51
CA ASP A 165 -18.43 6.65 7.65
C ASP A 165 -17.89 7.88 8.38
N LEU A 166 -17.93 7.86 9.73
CA LEU A 166 -17.44 8.94 10.57
C LEU A 166 -15.99 9.21 10.30
N GLU A 167 -15.13 8.16 10.29
CA GLU A 167 -13.68 8.27 10.06
C GLU A 167 -13.28 8.96 8.73
N ILE A 168 -13.80 8.47 7.59
CA ILE A 168 -13.53 9.01 6.24
C ILE A 168 -14.12 10.41 6.06
N LYS A 169 -15.32 10.65 6.60
CA LYS A 169 -15.98 11.96 6.55
C LYS A 169 -15.10 13.02 7.28
N TYR A 170 -14.55 12.65 8.45
CA TYR A 170 -13.67 13.49 9.27
C TYR A 170 -12.39 13.86 8.49
N LEU A 171 -11.79 12.87 7.80
CA LEU A 171 -10.58 13.05 6.98
C LEU A 171 -10.84 13.98 5.79
N ILE A 172 -11.97 13.77 5.09
CA ILE A 172 -12.36 14.57 3.93
C ILE A 172 -12.68 16.02 4.37
N SER A 173 -13.46 16.19 5.44
CA SER A 173 -13.84 17.50 5.98
C SER A 173 -12.64 18.34 6.41
N ASN A 174 -11.65 17.73 7.08
CA ASN A 174 -10.46 18.43 7.55
C ASN A 174 -9.41 18.70 6.43
N ALA A 175 -9.60 18.13 5.22
CA ALA A 175 -8.72 18.34 4.06
C ALA A 175 -9.39 19.13 2.92
N LEU A 176 -10.57 19.72 3.16
CA LEU A 176 -11.29 20.48 2.13
C LEU A 176 -10.65 21.82 1.92
N THR A 177 -10.40 22.16 0.64
CA THR A 177 -9.80 23.42 0.20
C THR A 177 -10.70 24.10 -0.84
N ASP A 178 -10.72 25.44 -0.85
CA ASP A 178 -11.53 26.18 -1.82
C ASP A 178 -10.74 26.51 -3.09
N LYS A 179 -9.51 25.98 -3.20
CA LYS A 179 -8.61 26.13 -4.35
C LYS A 179 -9.00 25.16 -5.49
N ILE A 180 -10.22 25.38 -6.00
CA ILE A 180 -11.03 24.70 -7.04
C ILE A 180 -10.39 24.76 -8.43
N ASN A 181 -9.63 25.81 -8.70
CA ASN A 181 -8.98 26.00 -10.00
C ASN A 181 -7.46 25.87 -9.90
N ASP A 182 -6.95 25.46 -8.71
CA ASP A 182 -5.53 25.32 -8.48
C ASP A 182 -4.99 24.03 -9.10
N ARG A 183 -4.14 24.20 -10.12
CA ARG A 183 -3.51 23.10 -10.84
C ARG A 183 -2.53 22.34 -9.93
N GLU A 184 -1.78 23.04 -9.06
CA GLU A 184 -0.85 22.42 -8.12
C GLU A 184 -1.58 21.49 -7.11
N ILE A 185 -2.79 21.89 -6.65
CA ILE A 185 -3.64 21.11 -5.75
C ILE A 185 -4.07 19.83 -6.49
N PHE A 186 -4.52 19.96 -7.76
CA PHE A 186 -4.95 18.79 -8.53
C PHE A 186 -3.81 17.81 -8.73
N MET A 187 -2.68 18.32 -9.24
CA MET A 187 -1.49 17.51 -9.55
C MET A 187 -0.91 16.81 -8.31
N LYS A 188 -0.79 17.52 -7.16
CA LYS A 188 -0.30 16.97 -5.89
C LYS A 188 -1.26 15.84 -5.44
N GLY A 189 -2.56 16.06 -5.64
CA GLY A 189 -3.62 15.11 -5.32
C GLY A 189 -3.55 13.82 -6.09
N ILE A 190 -3.18 13.87 -7.40
CA ILE A 190 -3.03 12.68 -8.25
C ILE A 190 -1.85 11.85 -7.71
N ASP A 191 -0.70 12.53 -7.43
CA ASP A 191 0.51 11.92 -6.88
C ASP A 191 0.25 11.23 -5.55
N ILE A 192 -0.54 11.88 -4.67
CA ILE A 192 -0.91 11.28 -3.39
C ILE A 192 -1.86 10.10 -3.64
N SER A 193 -2.90 10.28 -4.48
CA SER A 193 -3.81 9.20 -4.86
C SER A 193 -3.08 7.95 -5.34
N TYR A 194 -2.07 8.10 -6.21
CA TYR A 194 -1.27 6.99 -6.73
C TYR A 194 -0.38 6.37 -5.64
N TYR A 195 0.18 7.22 -4.74
CA TYR A 195 1.02 6.81 -3.63
C TYR A 195 0.22 5.91 -2.64
N TYR A 196 -1.11 6.22 -2.45
CA TYR A 196 -2.07 5.45 -1.63
C TYR A 196 -2.14 3.99 -2.09
N GLU A 197 -1.93 3.76 -3.40
CA GLU A 197 -1.99 2.45 -4.06
C GLU A 197 -0.60 1.83 -4.26
N GLY A 198 0.45 2.56 -3.84
CA GLY A 198 1.83 2.12 -3.94
C GLY A 198 2.53 2.33 -5.28
N TYR A 199 2.34 3.53 -5.90
CA TYR A 199 3.01 3.92 -7.14
C TYR A 199 3.70 5.24 -6.79
N THR A 200 5.03 5.25 -6.64
CA THR A 200 5.76 6.46 -6.24
C THR A 200 6.93 6.85 -7.16
N GLU A 201 6.97 6.38 -8.41
CA GLU A 201 8.10 6.68 -9.27
C GLU A 201 8.03 8.05 -9.93
N TYR A 202 6.87 8.41 -10.54
CA TYR A 202 6.75 9.66 -11.30
C TYR A 202 5.99 10.79 -10.61
N ASN A 203 6.25 12.03 -11.06
CA ASN A 203 5.48 13.20 -10.62
C ASN A 203 4.63 13.53 -11.82
N VAL A 204 3.31 13.43 -11.65
CA VAL A 204 2.31 13.63 -12.71
C VAL A 204 2.62 14.85 -13.61
N ASP A 205 3.02 16.02 -13.03
CA ASP A 205 3.27 17.25 -13.80
C ASP A 205 4.60 17.25 -14.60
N GLU A 206 5.52 16.31 -14.31
CA GLU A 206 6.81 16.18 -14.99
C GLU A 206 6.67 15.31 -16.26
N LEU A 207 5.42 14.89 -16.59
CA LEU A 207 5.11 14.04 -17.74
C LEU A 207 4.50 14.83 -18.87
N HIS B 7 -1.14 14.73 6.79
CA HIS B 7 -0.72 14.24 8.10
C HIS B 7 0.10 12.96 7.98
N MET B 8 1.24 12.88 8.68
CA MET B 8 2.14 11.72 8.62
C MET B 8 2.99 11.48 9.87
N LEU B 9 3.86 10.47 9.74
CA LEU B 9 4.80 10.02 10.75
C LEU B 9 5.86 11.10 11.03
N GLU B 10 6.12 11.35 12.34
CA GLU B 10 7.15 12.26 12.81
C GLU B 10 8.48 11.65 12.37
N ASN B 11 9.36 12.47 11.81
CA ASN B 11 10.66 12.06 11.30
C ASN B 11 11.75 13.01 11.80
N LYS B 12 13.01 12.60 11.64
CA LYS B 12 14.17 13.37 12.12
C LYS B 12 14.44 14.62 11.27
N LEU B 13 14.21 14.50 9.95
CA LEU B 13 14.42 15.53 8.94
C LEU B 13 13.31 16.59 8.81
N GLY B 14 12.31 16.56 9.70
CA GLY B 14 11.18 17.49 9.73
C GLY B 14 10.34 17.62 8.47
N ILE B 15 10.28 16.55 7.65
CA ILE B 15 9.50 16.49 6.40
C ILE B 15 7.98 16.47 6.71
N ILE B 16 7.22 17.37 6.05
CA ILE B 16 5.78 17.53 6.23
C ILE B 16 4.97 17.07 4.98
N ASN B 17 5.60 16.49 3.95
CA ASN B 17 4.90 16.00 2.74
C ASN B 17 5.08 14.48 2.66
N GLN B 18 3.95 13.73 2.57
CA GLN B 18 3.89 12.26 2.53
C GLN B 18 4.71 11.62 1.40
N LEU B 19 4.69 12.26 0.22
CA LEU B 19 5.40 11.88 -0.99
C LEU B 19 6.90 12.01 -0.78
N GLU B 20 7.31 13.16 -0.17
CA GLU B 20 8.67 13.54 0.14
C GLU B 20 9.30 12.55 1.13
N LEU B 21 8.61 12.26 2.26
CA LEU B 21 9.08 11.32 3.26
C LEU B 21 9.24 9.92 2.68
N ASN B 22 8.23 9.43 1.92
CA ASN B 22 8.24 8.11 1.29
C ASN B 22 9.50 7.92 0.43
N ARG B 23 9.80 8.87 -0.47
CA ARG B 23 10.97 8.83 -1.35
C ARG B 23 12.31 8.97 -0.60
N VAL B 24 12.45 9.93 0.36
CA VAL B 24 13.73 10.11 1.10
C VAL B 24 14.00 8.91 2.03
N GLU B 25 12.96 8.37 2.69
CA GLU B 25 13.07 7.18 3.55
C GLU B 25 13.55 6.02 2.70
N GLU B 26 13.00 5.91 1.51
CA GLU B 26 13.42 4.86 0.65
C GLU B 26 14.87 5.00 0.26
N ARG B 27 15.34 6.19 -0.07
CA ARG B 27 16.73 6.29 -0.43
C ARG B 27 17.70 6.12 0.73
N VAL B 28 17.46 6.75 1.87
CA VAL B 28 18.37 6.55 2.98
C VAL B 28 18.37 5.12 3.51
N SER B 29 17.21 4.47 3.59
CA SER B 29 17.10 3.10 4.10
C SER B 29 17.53 2.00 3.12
N LYS B 30 17.28 2.14 1.81
CA LYS B 30 17.72 1.15 0.83
C LYS B 30 19.25 1.23 0.70
N GLU B 31 19.80 2.48 0.81
CA GLU B 31 21.23 2.77 0.80
C GLU B 31 21.88 1.96 1.92
N ASN B 32 21.29 2.03 3.13
CA ASN B 32 21.69 1.31 4.33
C ASN B 32 21.61 -0.20 4.13
N ALA B 33 20.52 -0.69 3.49
CA ALA B 33 20.26 -2.10 3.16
C ALA B 33 21.37 -2.66 2.25
N LYS B 34 21.84 -1.85 1.27
CA LYS B 34 22.90 -2.24 0.35
C LYS B 34 24.21 -2.41 1.12
N ARG B 35 24.57 -1.40 1.95
CA ARG B 35 25.75 -1.37 2.81
C ARG B 35 25.74 -2.57 3.79
N LEU B 36 24.57 -2.85 4.41
CA LEU B 36 24.34 -3.97 5.36
C LEU B 36 24.78 -5.32 4.78
N TYR B 37 24.42 -5.60 3.50
CA TYR B 37 24.76 -6.81 2.76
C TYR B 37 26.24 -6.86 2.35
N ASP B 38 26.71 -5.79 1.64
CA ASP B 38 28.06 -5.63 1.08
C ASP B 38 29.20 -5.62 2.11
N SER B 39 28.99 -4.98 3.27
CA SER B 39 29.98 -4.92 4.36
C SER B 39 29.99 -6.23 5.14
N GLY B 40 29.03 -7.13 4.85
CA GLY B 40 28.89 -8.42 5.51
C GLY B 40 28.40 -8.31 6.94
N ASP B 41 27.97 -7.09 7.38
CA ASP B 41 27.43 -6.83 8.71
C ASP B 41 26.21 -7.71 8.96
N ILE B 42 25.48 -8.02 7.86
CA ILE B 42 24.29 -8.87 7.72
C ILE B 42 24.51 -10.26 8.35
N ASP B 43 25.71 -10.85 8.15
CA ASP B 43 26.12 -12.17 8.61
C ASP B 43 26.58 -12.23 10.07
N ARG B 44 26.90 -11.08 10.66
CA ARG B 44 27.33 -11.02 12.06
C ARG B 44 26.15 -10.87 13.03
N ILE B 45 24.93 -10.55 12.51
CA ILE B 45 23.67 -10.36 13.25
C ILE B 45 23.17 -11.71 13.82
N GLU B 46 22.61 -11.67 15.05
CA GLU B 46 21.99 -12.82 15.73
C GLU B 46 20.71 -13.23 14.96
N VAL B 47 20.61 -14.53 14.64
CA VAL B 47 19.51 -15.11 13.84
C VAL B 47 18.31 -15.54 14.69
N GLY B 48 17.11 -15.12 14.26
CA GLY B 48 15.83 -15.50 14.82
C GLY B 48 15.41 -14.88 16.13
N THR B 49 16.13 -13.85 16.59
CA THR B 49 15.82 -13.19 17.87
C THR B 49 15.30 -11.75 17.67
N PHE B 50 14.73 -11.15 18.73
CA PHE B 50 14.32 -9.75 18.65
C PHE B 50 15.55 -8.86 18.50
N LYS B 51 16.65 -9.17 19.22
CA LYS B 51 17.95 -8.44 19.18
C LYS B 51 18.47 -8.30 17.73
N GLY B 52 18.32 -9.39 16.96
CA GLY B 52 18.68 -9.44 15.55
C GLY B 52 17.77 -8.57 14.70
N LEU B 53 16.45 -8.59 14.95
CA LEU B 53 15.42 -7.82 14.24
C LEU B 53 15.64 -6.33 14.49
N SER B 54 15.83 -5.98 15.77
CA SER B 54 16.14 -4.66 16.30
C SER B 54 17.35 -4.08 15.58
N TYR B 55 18.42 -4.90 15.39
CA TYR B 55 19.65 -4.49 14.71
C TYR B 55 19.37 -4.14 13.26
N ILE B 56 18.64 -5.01 12.55
CA ILE B 56 18.23 -4.82 11.16
C ILE B 56 17.39 -3.55 11.04
N HIS B 57 16.45 -3.36 11.97
CA HIS B 57 15.59 -2.18 11.94
C HIS B 57 16.35 -0.88 12.16
N ASN B 58 17.25 -0.85 13.17
CA ASN B 58 18.03 0.34 13.48
C ASN B 58 19.01 0.65 12.36
N TYR B 59 19.57 -0.39 11.71
CA TYR B 59 20.50 -0.27 10.57
C TYR B 59 19.84 0.45 9.38
N LEU B 60 18.57 0.13 9.13
CA LEU B 60 17.84 0.74 8.02
C LEU B 60 17.31 2.14 8.32
N PHE B 61 16.68 2.35 9.48
CA PHE B 61 15.96 3.59 9.76
C PHE B 61 16.60 4.56 10.78
N GLU B 62 17.84 4.32 11.18
CA GLU B 62 18.61 5.17 12.09
C GLU B 62 18.58 6.66 11.69
N ASP B 63 18.76 6.95 10.39
CA ASP B 63 18.81 8.31 9.87
C ASP B 63 17.50 9.07 9.87
N ILE B 64 16.41 8.39 9.50
CA ILE B 64 15.11 9.03 9.33
C ILE B 64 14.18 8.96 10.59
N TYR B 65 14.32 7.91 11.42
CA TYR B 65 13.43 7.75 12.57
C TYR B 65 14.10 7.59 13.91
N GLU B 66 13.58 8.35 14.89
CA GLU B 66 14.02 8.36 16.28
C GLU B 66 13.75 6.99 16.94
N PHE B 67 12.64 6.31 16.54
CA PHE B 67 12.19 5.01 17.05
C PHE B 67 12.92 3.79 16.47
N ALA B 68 13.83 3.97 15.47
CA ALA B 68 14.57 2.90 14.79
C ALA B 68 15.15 1.88 15.79
N GLY B 69 14.76 0.61 15.64
CA GLY B 69 15.21 -0.48 16.49
C GLY B 69 14.65 -0.52 17.90
N LYS B 70 13.82 0.43 18.30
CA LYS B 70 13.23 0.46 19.65
C LYS B 70 11.85 -0.16 19.68
N VAL B 71 11.52 -0.82 20.83
CA VAL B 71 10.21 -1.39 21.09
C VAL B 71 9.33 -0.16 21.20
N ARG B 72 8.26 -0.12 20.38
CA ARG B 72 7.36 1.04 20.36
C ARG B 72 6.66 1.22 21.71
N SER B 73 6.23 2.47 21.98
CA SER B 73 5.54 2.80 23.23
C SER B 73 4.10 3.19 22.95
N GLN B 74 3.74 3.13 21.67
CA GLN B 74 2.40 3.44 21.17
C GLN B 74 1.74 2.23 20.51
N ASN B 75 0.42 2.18 20.59
CA ASN B 75 -0.38 1.14 19.95
C ASN B 75 -0.58 1.44 18.45
N ILE B 76 -0.52 0.38 17.63
CA ILE B 76 -0.62 0.46 16.17
C ILE B 76 -1.56 -0.61 15.62
N SER B 77 -2.03 -0.39 14.37
CA SER B 77 -2.95 -1.25 13.68
C SER B 77 -2.89 -1.03 12.16
N LYS B 78 -3.39 -2.02 11.40
CA LYS B 78 -3.47 -1.96 9.94
C LYS B 78 -4.75 -2.64 9.53
N GLY B 79 -5.54 -1.96 8.70
CA GLY B 79 -6.83 -2.49 8.29
C GLY B 79 -7.75 -2.56 9.48
N ASN B 80 -8.16 -3.80 9.86
CA ASN B 80 -9.03 -4.04 11.02
C ASN B 80 -8.32 -4.89 12.06
N PHE B 81 -7.00 -4.84 12.08
CA PHE B 81 -6.23 -5.63 13.02
C PHE B 81 -5.34 -4.84 13.97
N ARG B 82 -5.50 -5.05 15.26
CA ARG B 82 -4.59 -4.41 16.16
C ARG B 82 -3.41 -5.31 16.49
N PHE B 83 -2.20 -4.79 16.32
CA PHE B 83 -0.95 -5.50 16.62
C PHE B 83 -0.76 -5.62 18.14
N ALA B 84 0.11 -6.54 18.62
CA ALA B 84 0.29 -6.80 20.04
C ALA B 84 0.30 -5.52 20.91
N PRO B 85 -0.66 -5.40 21.88
CA PRO B 85 -0.74 -4.20 22.72
C PRO B 85 0.55 -3.95 23.48
N VAL B 86 0.91 -2.67 23.65
CA VAL B 86 2.12 -2.21 24.33
C VAL B 86 2.14 -2.81 25.74
N MET B 87 0.94 -2.89 26.39
CA MET B 87 0.80 -3.41 27.75
C MET B 87 1.41 -4.82 27.94
N TYR B 88 1.59 -5.62 26.86
CA TYR B 88 2.26 -6.94 26.96
C TYR B 88 3.20 -7.24 25.79
N LEU B 89 3.51 -6.24 24.97
CA LEU B 89 4.40 -6.36 23.81
C LEU B 89 5.78 -6.98 24.15
N GLU B 90 6.40 -6.56 25.28
CA GLU B 90 7.72 -7.05 25.67
C GLU B 90 7.75 -8.51 26.04
N ILE B 91 6.82 -8.98 26.91
CA ILE B 91 6.76 -10.38 27.29
C ILE B 91 6.43 -11.25 26.04
N ALA B 92 5.56 -10.74 25.14
CA ALA B 92 5.20 -11.42 23.90
C ALA B 92 6.43 -11.63 23.00
N LEU B 93 7.38 -10.67 23.02
CA LEU B 93 8.62 -10.72 22.26
C LEU B 93 9.57 -11.73 22.86
N GLU B 94 9.63 -11.81 24.19
CA GLU B 94 10.40 -12.80 24.95
C GLU B 94 9.93 -14.22 24.58
N HIS B 95 8.61 -14.41 24.35
CA HIS B 95 8.06 -15.71 23.98
CA HIS B 95 7.97 -15.69 23.92
C HIS B 95 8.36 -16.05 22.49
N ILE B 96 8.46 -15.06 21.59
CA ILE B 96 8.81 -15.28 20.17
C ILE B 96 10.27 -15.73 20.08
N ASP B 97 11.18 -15.12 20.87
CA ASP B 97 12.61 -15.49 20.97
C ASP B 97 12.81 -16.97 21.29
N LYS B 98 11.86 -17.57 22.05
CA LYS B 98 11.89 -18.97 22.51
C LYS B 98 11.22 -19.94 21.54
N MET B 99 10.46 -19.44 20.54
CA MET B 99 9.77 -20.29 19.56
C MET B 99 10.78 -21.06 18.72
N PRO B 100 10.51 -22.36 18.42
CA PRO B 100 11.45 -23.11 17.56
C PRO B 100 11.39 -22.68 16.10
N GLN B 101 12.45 -22.96 15.36
CA GLN B 101 12.58 -22.59 13.95
C GLN B 101 13.29 -23.74 13.22
N ARG B 102 12.85 -24.99 13.45
CA ARG B 102 13.49 -26.22 12.92
C ARG B 102 13.05 -26.64 11.53
N ASN B 103 11.96 -26.08 11.03
CA ASN B 103 11.44 -26.42 9.72
C ASN B 103 10.58 -25.29 9.20
N LEU B 104 10.08 -25.41 7.95
CA LEU B 104 9.27 -24.35 7.36
C LEU B 104 7.97 -24.02 8.16
N ASP B 105 7.18 -25.04 8.57
CA ASP B 105 5.96 -24.84 9.36
C ASP B 105 6.23 -24.00 10.60
N GLU B 106 7.38 -24.26 11.28
CA GLU B 106 7.81 -23.56 12.49
C GLU B 106 8.33 -22.16 12.23
N ILE B 107 9.18 -22.01 11.20
CA ILE B 107 9.74 -20.71 10.78
C ILE B 107 8.58 -19.76 10.37
N VAL B 108 7.59 -20.28 9.62
CA VAL B 108 6.41 -19.55 9.19
C VAL B 108 5.57 -19.14 10.42
N ALA B 109 5.32 -20.07 11.35
CA ALA B 109 4.58 -19.79 12.60
C ALA B 109 5.26 -18.69 13.44
N LYS B 110 6.58 -18.74 13.56
CA LYS B 110 7.41 -17.75 14.27
C LYS B 110 7.36 -16.39 13.53
N TYR B 111 7.42 -16.39 12.19
CA TYR B 111 7.33 -15.19 11.40
C TYR B 111 5.94 -14.50 11.56
N VAL B 112 4.88 -15.31 11.60
CA VAL B 112 3.49 -14.89 11.76
C VAL B 112 3.32 -14.22 13.17
N GLU B 113 3.98 -14.76 14.19
CA GLU B 113 3.92 -14.21 15.54
C GLU B 113 4.69 -12.89 15.65
N MET B 114 5.84 -12.81 14.99
CA MET B 114 6.66 -11.60 14.93
C MET B 114 5.92 -10.48 14.19
N ASN B 115 5.12 -10.85 13.16
CA ASN B 115 4.31 -9.87 12.46
C ASN B 115 3.17 -9.37 13.38
N ILE B 116 2.56 -10.26 14.20
CA ILE B 116 1.51 -9.90 15.16
C ILE B 116 2.15 -8.94 16.19
N ALA B 117 3.36 -9.27 16.72
CA ALA B 117 4.07 -8.40 17.69
C ALA B 117 4.26 -7.02 17.08
N HIS B 118 4.70 -6.96 15.79
CA HIS B 118 4.89 -5.70 15.03
C HIS B 118 5.61 -4.71 15.96
N PRO B 119 6.85 -5.03 16.44
CA PRO B 119 7.46 -4.23 17.54
C PRO B 119 7.82 -2.77 17.28
N PHE B 120 7.90 -2.33 16.01
CA PHE B 120 8.30 -0.98 15.67
C PHE B 120 7.13 -0.11 15.23
N ARG B 121 7.26 1.22 15.43
CA ARG B 121 6.23 2.22 15.07
C ARG B 121 5.88 2.08 13.57
N GLU B 122 6.91 1.85 12.74
CA GLU B 122 6.79 1.66 11.29
C GLU B 122 8.01 0.88 10.83
N GLY B 123 7.95 0.30 9.63
CA GLY B 123 9.08 -0.41 9.05
C GLY B 123 9.17 -1.85 9.47
N ASN B 124 8.06 -2.39 10.02
CA ASN B 124 7.95 -3.79 10.46
C ASN B 124 8.08 -4.79 9.34
N GLY B 125 7.31 -4.59 8.26
CA GLY B 125 7.30 -5.49 7.11
C GLY B 125 8.67 -5.74 6.52
N ARG B 126 9.35 -4.66 6.09
CA ARG B 126 10.66 -4.71 5.46
C ARG B 126 11.76 -5.34 6.32
N ALA B 127 11.82 -4.98 7.61
CA ALA B 127 12.83 -5.48 8.52
C ALA B 127 12.62 -6.96 8.88
N THR B 128 11.33 -7.40 9.08
CA THR B 128 10.95 -8.78 9.44
C THR B 128 11.16 -9.72 8.25
N ARG B 129 11.03 -9.21 6.99
CA ARG B 129 11.31 -10.03 5.80
C ARG B 129 12.83 -10.32 5.62
N ILE B 130 13.70 -9.35 6.02
CA ILE B 130 15.17 -9.55 5.99
C ILE B 130 15.52 -10.60 7.07
N TRP B 131 14.98 -10.44 8.29
CA TRP B 131 15.13 -11.30 9.47
C TRP B 131 14.69 -12.77 9.20
N LEU B 132 13.58 -12.96 8.44
CA LEU B 132 13.01 -14.26 8.04
C LEU B 132 13.95 -14.97 7.09
N ASP B 133 14.47 -14.25 6.05
CA ASP B 133 15.41 -14.78 5.06
C ASP B 133 16.65 -15.34 5.74
N LEU B 134 17.14 -14.69 6.84
CA LEU B 134 18.31 -15.19 7.60
C LEU B 134 17.98 -16.44 8.46
N ILE B 135 16.70 -16.60 8.88
CA ILE B 135 16.28 -17.80 9.60
C ILE B 135 16.26 -18.95 8.60
N LEU B 136 15.64 -18.72 7.45
CA LEU B 136 15.53 -19.71 6.40
C LEU B 136 16.91 -20.10 5.91
N LYS B 137 17.84 -19.11 5.77
CA LYS B 137 19.23 -19.32 5.35
C LYS B 137 19.93 -20.23 6.33
N LYS B 138 19.84 -19.93 7.65
CA LYS B 138 20.45 -20.75 8.71
C LYS B 138 19.86 -22.15 8.81
N GLU B 139 18.54 -22.26 8.80
CA GLU B 139 17.83 -23.50 9.06
C GLU B 139 17.52 -24.39 7.87
N LEU B 140 17.29 -23.84 6.68
CA LEU B 140 16.90 -24.66 5.53
C LEU B 140 17.87 -24.56 4.36
N LYS B 141 18.87 -23.66 4.50
CA LYS B 141 19.85 -23.32 3.45
C LYS B 141 19.07 -22.90 2.19
N ARG B 142 17.97 -22.16 2.45
CA ARG B 142 17.01 -21.58 1.52
C ARG B 142 16.80 -20.13 1.88
N VAL B 143 16.38 -19.30 0.92
CA VAL B 143 16.05 -17.89 1.10
C VAL B 143 14.86 -17.65 0.17
N VAL B 144 14.09 -16.62 0.41
CA VAL B 144 12.95 -16.35 -0.45
C VAL B 144 13.38 -15.54 -1.68
N ASP B 145 12.78 -15.89 -2.84
CA ASP B 145 12.83 -15.18 -4.12
C ASP B 145 11.51 -14.40 -4.09
N TRP B 146 11.56 -13.20 -3.52
CA TRP B 146 10.41 -12.34 -3.31
C TRP B 146 9.70 -11.93 -4.61
N ASN B 147 10.37 -12.07 -5.77
CA ASN B 147 9.80 -11.78 -7.10
C ASN B 147 8.74 -12.83 -7.51
N LEU B 148 8.83 -14.05 -6.93
CA LEU B 148 7.90 -15.15 -7.18
C LEU B 148 6.57 -15.01 -6.42
N ILE B 149 6.51 -14.12 -5.43
CA ILE B 149 5.28 -13.85 -4.66
C ILE B 149 4.69 -12.51 -5.13
N ASN B 150 3.43 -12.52 -5.59
CA ASN B 150 2.71 -11.33 -6.04
C ASN B 150 2.38 -10.46 -4.82
N LYS B 151 2.48 -9.12 -4.95
CA LYS B 151 2.21 -8.16 -3.88
C LYS B 151 0.84 -8.39 -3.23
N GLU B 152 -0.23 -8.39 -4.05
CA GLU B 152 -1.62 -8.57 -3.61
C GLU B 152 -1.81 -9.86 -2.85
N ASP B 153 -1.21 -10.96 -3.34
CA ASP B 153 -1.19 -12.29 -2.75
C ASP B 153 -0.51 -12.31 -1.37
N TYR B 154 0.68 -11.69 -1.25
CA TYR B 154 1.44 -11.57 0.00
C TYR B 154 0.65 -10.82 1.09
N LEU B 155 0.18 -9.59 0.78
CA LEU B 155 -0.52 -8.74 1.72
C LEU B 155 -1.81 -9.39 2.19
N SER B 156 -2.51 -10.08 1.27
CA SER B 156 -3.74 -10.82 1.55
C SER B 156 -3.45 -12.00 2.52
N ALA B 157 -2.37 -12.75 2.26
CA ALA B 157 -1.92 -13.89 3.07
C ALA B 157 -1.54 -13.47 4.49
N MET B 158 -0.86 -12.31 4.64
CA MET B 158 -0.44 -11.75 5.93
C MET B 158 -1.64 -11.26 6.76
N GLU B 159 -2.62 -10.65 6.09
CA GLU B 159 -3.87 -10.17 6.69
C GLU B 159 -4.62 -11.37 7.32
N ARG B 160 -4.63 -12.51 6.61
CA ARG B 160 -5.26 -13.78 7.00
C ARG B 160 -4.40 -14.53 8.05
N SER B 161 -3.05 -14.43 7.98
CA SER B 161 -2.07 -15.18 8.80
C SER B 161 -2.36 -15.19 10.34
N PRO B 162 -2.92 -14.15 11.03
CA PRO B 162 -3.21 -14.30 12.48
C PRO B 162 -4.29 -15.35 12.76
N VAL B 163 -5.12 -15.69 11.75
CA VAL B 163 -6.18 -16.69 11.81
C VAL B 163 -5.74 -18.06 11.21
N LYS B 164 -5.19 -18.07 9.97
CA LYS B 164 -4.72 -19.27 9.26
C LYS B 164 -3.53 -18.87 8.40
N ASP B 165 -2.36 -19.45 8.71
CA ASP B 165 -1.09 -19.16 8.05
C ASP B 165 -0.80 -20.05 6.82
N LEU B 166 -1.81 -20.79 6.34
CA LEU B 166 -1.62 -21.67 5.18
C LEU B 166 -1.34 -20.90 3.89
N GLU B 167 -2.05 -19.78 3.65
CA GLU B 167 -1.81 -18.96 2.46
C GLU B 167 -0.35 -18.49 2.39
N ILE B 168 0.18 -17.87 3.48
CA ILE B 168 1.55 -17.36 3.51
C ILE B 168 2.60 -18.49 3.50
N LYS B 169 2.26 -19.66 4.10
CA LYS B 169 3.11 -20.85 4.14
C LYS B 169 3.33 -21.35 2.70
N TYR B 170 2.24 -21.52 1.91
CA TYR B 170 2.26 -21.96 0.51
C TYR B 170 3.10 -21.01 -0.34
N LEU B 171 2.96 -19.68 -0.15
CA LEU B 171 3.72 -18.66 -0.88
C LEU B 171 5.21 -18.72 -0.60
N ILE B 172 5.61 -18.72 0.68
CA ILE B 172 7.02 -18.79 1.07
C ILE B 172 7.61 -20.08 0.53
N SER B 173 6.96 -21.24 0.80
CA SER B 173 7.37 -22.58 0.33
C SER B 173 7.70 -22.66 -1.17
N ASN B 174 6.81 -22.15 -2.03
CA ASN B 174 6.93 -22.17 -3.49
C ASN B 174 7.90 -21.11 -4.06
N ALA B 175 8.36 -20.16 -3.22
CA ALA B 175 9.31 -19.12 -3.62
C ALA B 175 10.73 -19.37 -3.10
N LEU B 176 10.91 -20.38 -2.21
CA LEU B 176 12.21 -20.72 -1.61
C LEU B 176 13.23 -21.11 -2.69
N THR B 177 14.45 -20.54 -2.61
CA THR B 177 15.58 -20.79 -3.51
C THR B 177 16.84 -21.22 -2.73
N ASP B 178 17.67 -22.08 -3.34
CA ASP B 178 18.91 -22.54 -2.69
C ASP B 178 20.09 -21.57 -2.84
N LYS B 179 19.93 -20.48 -3.62
CA LYS B 179 20.99 -19.50 -3.83
C LYS B 179 21.03 -18.48 -2.70
N ILE B 180 21.72 -18.86 -1.62
CA ILE B 180 21.86 -18.25 -0.30
C ILE B 180 22.93 -17.14 -0.15
N ASN B 181 23.85 -17.04 -1.13
CA ASN B 181 24.90 -16.02 -1.11
C ASN B 181 24.88 -15.16 -2.38
N ASP B 182 23.75 -15.25 -3.13
CA ASP B 182 23.50 -14.48 -4.35
C ASP B 182 23.01 -13.07 -4.06
N ARG B 183 23.85 -12.11 -4.45
CA ARG B 183 23.60 -10.69 -4.30
C ARG B 183 22.37 -10.23 -5.09
N GLU B 184 22.19 -10.72 -6.31
CA GLU B 184 21.03 -10.36 -7.11
C GLU B 184 19.70 -10.81 -6.50
N ILE B 185 19.66 -12.01 -5.94
CA ILE B 185 18.44 -12.54 -5.29
C ILE B 185 18.07 -11.64 -4.09
N PHE B 186 19.09 -11.21 -3.31
CA PHE B 186 18.94 -10.32 -2.16
C PHE B 186 18.47 -8.96 -2.59
N MET B 187 19.24 -8.31 -3.48
CA MET B 187 19.01 -6.96 -4.00
C MET B 187 17.64 -6.82 -4.65
N LYS B 188 17.24 -7.77 -5.53
CA LYS B 188 15.91 -7.78 -6.14
C LYS B 188 14.81 -7.93 -5.06
N GLY B 189 15.05 -8.82 -4.09
CA GLY B 189 14.18 -9.08 -2.96
C GLY B 189 13.92 -7.84 -2.14
N ILE B 190 14.95 -6.98 -1.98
CA ILE B 190 14.85 -5.67 -1.31
C ILE B 190 13.94 -4.75 -2.12
N ASP B 191 14.11 -4.73 -3.47
CA ASP B 191 13.29 -3.93 -4.37
C ASP B 191 11.83 -4.37 -4.33
N ILE B 192 11.58 -5.70 -4.27
CA ILE B 192 10.24 -6.27 -4.17
C ILE B 192 9.65 -6.03 -2.78
N SER B 193 10.49 -6.13 -1.72
CA SER B 193 10.07 -5.90 -0.32
C SER B 193 9.52 -4.49 -0.15
N TYR B 194 10.26 -3.49 -0.67
CA TYR B 194 9.86 -2.09 -0.62
C TYR B 194 8.64 -1.82 -1.46
N TYR B 195 8.50 -2.51 -2.56
CA TYR B 195 7.36 -2.40 -3.42
C TYR B 195 6.07 -2.83 -2.73
N TYR B 196 6.15 -3.86 -1.90
CA TYR B 196 5.01 -4.38 -1.10
C TYR B 196 4.41 -3.26 -0.21
N GLU B 197 5.28 -2.38 0.33
CA GLU B 197 5.00 -1.27 1.25
C GLU B 197 4.69 0.06 0.54
N GLY B 198 4.72 0.03 -0.80
CA GLY B 198 4.45 1.18 -1.66
C GLY B 198 5.62 2.12 -1.90
N TYR B 199 6.88 1.60 -1.92
CA TYR B 199 8.09 2.39 -2.22
C TYR B 199 8.59 1.93 -3.57
N THR B 200 8.44 2.75 -4.62
CA THR B 200 8.87 2.31 -5.95
C THR B 200 9.79 3.31 -6.67
N GLU B 201 10.48 4.19 -5.95
CA GLU B 201 11.32 5.20 -6.59
C GLU B 201 12.72 4.72 -6.93
N TYR B 202 13.38 4.02 -6.02
CA TYR B 202 14.75 3.59 -6.27
C TYR B 202 14.92 2.11 -6.50
N ASN B 203 16.04 1.79 -7.12
CA ASN B 203 16.51 0.45 -7.36
C ASN B 203 17.70 0.42 -6.44
N VAL B 204 17.72 -0.56 -5.54
CA VAL B 204 18.76 -0.69 -4.50
C VAL B 204 20.17 -0.78 -5.11
N ASP B 205 20.30 -1.31 -6.30
CA ASP B 205 21.62 -1.39 -6.88
C ASP B 205 22.46 -0.11 -6.67
N GLU B 206 21.84 1.07 -6.78
CA GLU B 206 22.57 2.32 -6.67
C GLU B 206 22.72 2.92 -5.29
N LEU B 207 23.96 3.11 -4.85
CA LEU B 207 24.27 3.66 -3.53
C LEU B 207 23.50 4.91 -3.22
#